data_5HS6
#
_entry.id   5HS6
#
_cell.length_a   91.111
_cell.length_b   91.111
_cell.length_c   132.021
_cell.angle_alpha   90.00
_cell.angle_beta   90.00
_cell.angle_gamma   90.00
#
_symmetry.space_group_name_H-M   'I 4 2 2'
#
loop_
_entity.id
_entity.type
_entity.pdbx_description
1 polymer '17-beta-hydroxysteroid dehydrogenase 14'
2 non-polymer NICOTINAMIDE-ADENINE-DINUCLEOTIDE
3 non-polymer (9beta,13alpha)-3-hydroxyestra-1,3,5(10)-trien-17-one
4 non-polymer 'SODIUM ION'
5 water water
#
_entity_poly.entity_id   1
_entity_poly.type   'polypeptide(L)'
_entity_poly.pdbx_seq_one_letter_code
;GHMATGTRYAGKVVVVTGGGRGIGAGIVRAFVNSGARVVICDKDESGGRALEQELPGAVFILCDVTQEDDVKTLVSETIR
RFGRLDCVVNNAGHHPPPQRPEETSAQGFRQLLELNLLGTYTLTKLALPYLRKSQGNVINISSLVGAIGQAQAVPYVATK
GAVTAMTKALALDESPYGVRVNCISPGNIWTPLWEELAALMPDPRATIREGMLAQPLGRMGQPAEVGAAAVFLASEANFC
TGIELLVTGGAELGYGCKASRSTPVDAPDIPSGS
;
_entity_poly.pdbx_strand_id   A
#
# COMPACT_ATOMS: atom_id res chain seq x y z
N GLY A 6 3.85 12.52 -19.26
CA GLY A 6 2.54 12.12 -18.77
C GLY A 6 1.74 13.32 -18.34
N THR A 7 0.42 13.25 -18.51
CA THR A 7 -0.46 14.38 -18.33
C THR A 7 -1.57 14.19 -17.29
N ARG A 8 -1.83 12.96 -16.98
N ARG A 8 -1.95 12.95 -16.97
CA ARG A 8 -2.99 12.60 -16.23
CA ARG A 8 -3.17 12.75 -16.20
C ARG A 8 -2.99 13.18 -14.79
C ARG A 8 -3.05 13.18 -14.73
N TYR A 9 -1.84 13.31 -14.19
CA TYR A 9 -1.68 13.83 -12.83
C TYR A 9 -0.57 14.85 -12.80
N ALA A 10 -0.46 15.64 -13.87
CA ALA A 10 0.61 16.64 -13.98
C ALA A 10 0.41 17.75 -12.96
N GLY A 11 1.53 18.26 -12.46
CA GLY A 11 1.50 19.34 -11.48
C GLY A 11 1.16 18.90 -10.07
N LYS A 12 0.99 17.60 -9.84
CA LYS A 12 0.60 17.08 -8.54
C LYS A 12 1.82 16.51 -7.81
N VAL A 13 1.75 16.50 -6.49
CA VAL A 13 2.85 16.00 -5.65
C VAL A 13 2.33 14.82 -4.83
N VAL A 14 3.01 13.68 -4.92
CA VAL A 14 2.59 12.41 -4.36
C VAL A 14 3.66 11.88 -3.41
N VAL A 15 3.25 11.40 -2.25
CA VAL A 15 4.13 10.68 -1.33
C VAL A 15 3.72 9.22 -1.33
N VAL A 16 4.68 8.33 -1.55
CA VAL A 16 4.47 6.88 -1.53
C VAL A 16 5.39 6.30 -0.46
N THR A 17 4.82 5.72 0.59
CA THR A 17 5.61 5.08 1.63
C THR A 17 5.94 3.64 1.23
N GLY A 18 7.06 3.14 1.73
CA GLY A 18 7.58 1.87 1.24
C GLY A 18 7.80 1.87 -0.27
N GLY A 19 8.16 3.01 -0.85
CA GLY A 19 8.25 3.05 -2.29
C GLY A 19 9.55 2.56 -2.88
N GLY A 20 10.44 2.01 -2.05
CA GLY A 20 11.73 1.62 -2.56
C GLY A 20 11.73 0.36 -3.38
N ARG A 21 10.76 -0.54 -3.19
CA ARG A 21 10.74 -1.78 -3.94
C ARG A 21 9.31 -2.31 -4.00
N GLY A 22 9.12 -3.39 -4.77
CA GLY A 22 7.87 -4.11 -4.73
C GLY A 22 6.71 -3.25 -5.20
N ILE A 23 5.54 -3.44 -4.56
CA ILE A 23 4.33 -2.70 -4.93
C ILE A 23 4.60 -1.20 -4.87
N GLY A 24 5.24 -0.74 -3.78
CA GLY A 24 5.48 0.69 -3.63
C GLY A 24 6.26 1.27 -4.79
N ALA A 25 7.31 0.58 -5.24
CA ALA A 25 8.06 1.08 -6.39
C ALA A 25 7.20 1.08 -7.66
N GLY A 26 6.29 0.11 -7.81
CA GLY A 26 5.40 0.13 -8.95
C GLY A 26 4.46 1.33 -8.93
N ILE A 27 4.00 1.69 -7.73
CA ILE A 27 3.17 2.90 -7.59
C ILE A 27 3.97 4.15 -7.89
N VAL A 28 5.23 4.22 -7.39
CA VAL A 28 6.07 5.37 -7.71
C VAL A 28 6.20 5.55 -9.21
N ARG A 29 6.55 4.46 -9.92
CA ARG A 29 6.75 4.58 -11.36
C ARG A 29 5.48 5.01 -12.06
N ALA A 30 4.34 4.49 -11.62
CA ALA A 30 3.07 4.83 -12.26
C ALA A 30 2.77 6.33 -12.12
N PHE A 31 3.00 6.88 -10.93
CA PHE A 31 2.73 8.30 -10.72
C PHE A 31 3.71 9.18 -11.47
N VAL A 32 5.00 8.80 -11.53
CA VAL A 32 5.95 9.54 -12.36
C VAL A 32 5.50 9.50 -13.82
N ASN A 33 5.09 8.32 -14.29
CA ASN A 33 4.64 8.17 -15.67
C ASN A 33 3.42 9.04 -15.95
N SER A 34 2.64 9.39 -14.92
N SER A 34 2.64 9.37 -14.92
CA SER A 34 1.46 10.21 -15.10
CA SER A 34 1.45 10.20 -15.08
C SER A 34 1.74 11.70 -14.94
C SER A 34 1.76 11.70 -15.02
N GLY A 35 3.00 12.08 -14.75
CA GLY A 35 3.39 13.48 -14.71
C GLY A 35 3.51 14.08 -13.32
N ALA A 36 3.27 13.29 -12.27
CA ALA A 36 3.40 13.79 -10.91
C ALA A 36 4.87 13.86 -10.50
N ARG A 37 5.16 14.73 -9.52
CA ARG A 37 6.37 14.62 -8.74
C ARG A 37 6.11 13.70 -7.56
N VAL A 38 7.07 12.82 -7.28
CA VAL A 38 6.84 11.76 -6.29
C VAL A 38 7.95 11.80 -5.26
N VAL A 39 7.56 11.76 -4.00
CA VAL A 39 8.50 11.61 -2.89
C VAL A 39 8.48 10.14 -2.51
N ILE A 40 9.62 9.46 -2.69
CA ILE A 40 9.74 8.07 -2.27
C ILE A 40 10.13 8.05 -0.81
N CYS A 41 9.27 7.48 0.02
CA CYS A 41 9.55 7.31 1.44
C CYS A 41 9.85 5.84 1.69
N ASP A 42 10.93 5.56 2.40
CA ASP A 42 11.27 4.18 2.75
C ASP A 42 12.21 4.19 3.94
N LYS A 43 12.19 3.10 4.70
CA LYS A 43 13.10 2.96 5.83
C LYS A 43 14.46 2.45 5.42
N ASP A 44 14.56 1.83 4.25
CA ASP A 44 15.81 1.30 3.72
C ASP A 44 16.25 2.15 2.54
N GLU A 45 17.56 2.39 2.45
CA GLU A 45 18.08 3.33 1.47
C GLU A 45 18.26 2.70 0.09
N SER A 46 18.57 1.40 0.04
CA SER A 46 19.09 0.75 -1.17
C SER A 46 18.21 1.00 -2.38
N GLY A 47 16.95 0.54 -2.33
CA GLY A 47 16.08 0.63 -3.48
C GLY A 47 15.63 2.05 -3.77
N GLY A 48 15.27 2.80 -2.73
CA GLY A 48 14.71 4.12 -2.93
C GLY A 48 15.71 5.12 -3.49
N ARG A 49 16.97 5.05 -3.02
CA ARG A 49 18.02 5.90 -3.54
C ARG A 49 18.23 5.67 -5.03
N ALA A 50 18.27 4.39 -5.44
CA ALA A 50 18.46 4.07 -6.85
C ALA A 50 17.29 4.57 -7.69
N LEU A 51 16.07 4.46 -7.14
CA LEU A 51 14.88 4.91 -7.85
C LEU A 51 14.90 6.42 -8.07
N GLU A 52 15.35 7.18 -7.08
CA GLU A 52 15.51 8.62 -7.26
C GLU A 52 16.48 8.91 -8.39
N GLN A 53 17.59 8.18 -8.46
CA GLN A 53 18.54 8.45 -9.53
C GLN A 53 17.94 8.09 -10.88
N GLU A 54 17.11 7.06 -10.92
CA GLU A 54 16.59 6.55 -12.17
C GLU A 54 15.49 7.44 -12.74
N LEU A 55 14.59 7.95 -11.89
CA LEU A 55 13.37 8.62 -12.35
C LEU A 55 13.48 10.12 -12.19
N PRO A 56 13.53 10.89 -13.27
CA PRO A 56 13.35 12.34 -13.13
C PRO A 56 11.98 12.62 -12.53
N GLY A 57 11.95 13.44 -11.50
CA GLY A 57 10.69 13.75 -10.86
C GLY A 57 10.34 12.89 -9.66
N ALA A 58 11.17 11.91 -9.31
CA ALA A 58 11.08 11.20 -8.04
C ALA A 58 12.30 11.56 -7.20
N VAL A 59 12.07 11.80 -5.90
CA VAL A 59 13.16 11.99 -4.95
C VAL A 59 12.91 11.06 -3.78
N PHE A 60 13.99 10.71 -3.09
CA PHE A 60 13.94 9.75 -1.99
C PHE A 60 14.14 10.48 -0.67
N ILE A 61 13.25 10.22 0.29
CA ILE A 61 13.43 10.73 1.65
C ILE A 61 13.40 9.55 2.61
N LEU A 62 14.51 9.35 3.33
CA LEU A 62 14.57 8.28 4.31
C LEU A 62 13.55 8.58 5.42
N CYS A 63 12.68 7.62 5.69
CA CYS A 63 11.64 7.83 6.68
C CYS A 63 11.09 6.49 7.11
N ASP A 64 11.17 6.21 8.40
CA ASP A 64 10.51 5.06 9.02
C ASP A 64 9.14 5.55 9.49
N VAL A 65 8.07 5.04 8.88
CA VAL A 65 6.72 5.54 9.20
C VAL A 65 6.29 5.23 10.63
N THR A 66 6.96 4.30 11.32
CA THR A 66 6.64 4.06 12.72
C THR A 66 7.27 5.09 13.65
N GLN A 67 8.08 6.01 13.12
CA GLN A 67 8.74 7.03 13.92
C GLN A 67 8.08 8.36 13.59
N GLU A 68 7.36 8.92 14.57
CA GLU A 68 6.53 10.09 14.31
C GLU A 68 7.37 11.27 13.84
N ASP A 69 8.58 11.42 14.36
CA ASP A 69 9.43 12.54 13.95
C ASP A 69 9.95 12.35 12.53
N ASP A 70 10.24 11.11 12.13
CA ASP A 70 10.50 10.83 10.72
C ASP A 70 9.35 11.33 9.86
N VAL A 71 8.10 11.01 10.25
CA VAL A 71 6.96 11.32 9.40
C VAL A 71 6.72 12.82 9.34
N LYS A 72 6.85 13.51 10.48
CA LYS A 72 6.72 14.96 10.48
C LYS A 72 7.72 15.59 9.53
N THR A 73 8.97 15.14 9.58
CA THR A 73 9.99 15.66 8.68
C THR A 73 9.67 15.33 7.24
N LEU A 74 9.14 14.13 7.00
CA LEU A 74 8.75 13.76 5.64
C LEU A 74 7.74 14.75 5.07
N VAL A 75 6.70 15.09 5.84
CA VAL A 75 5.68 16.02 5.35
C VAL A 75 6.27 17.43 5.19
N SER A 76 7.01 17.91 6.19
CA SER A 76 7.52 19.28 6.11
C SER A 76 8.55 19.43 4.99
N GLU A 77 9.40 18.42 4.80
CA GLU A 77 10.33 18.42 3.67
C GLU A 77 9.61 18.38 2.32
N THR A 78 8.53 17.59 2.22
CA THR A 78 7.77 17.54 0.97
C THR A 78 7.22 18.92 0.62
N ILE A 79 6.59 19.58 1.61
CA ILE A 79 6.04 20.92 1.39
C ILE A 79 7.16 21.92 1.11
N ARG A 80 8.27 21.85 1.85
CA ARG A 80 9.35 22.80 1.64
C ARG A 80 9.89 22.71 0.21
N ARG A 81 10.04 21.47 -0.29
CA ARG A 81 10.68 21.26 -1.58
C ARG A 81 9.74 21.41 -2.77
N PHE A 82 8.45 21.11 -2.62
CA PHE A 82 7.56 21.08 -3.77
C PHE A 82 6.30 21.95 -3.65
N GLY A 83 6.03 22.53 -2.47
CA GLY A 83 5.04 23.59 -2.37
C GLY A 83 3.60 23.16 -2.23
N ARG A 84 3.32 21.86 -2.24
CA ARG A 84 1.96 21.35 -2.12
C ARG A 84 2.05 19.85 -1.89
N LEU A 85 0.93 19.26 -1.51
CA LEU A 85 0.84 17.81 -1.38
C LEU A 85 -0.55 17.38 -1.82
N ASP A 86 -0.62 16.53 -2.85
CA ASP A 86 -1.89 16.16 -3.44
C ASP A 86 -2.34 14.75 -3.13
N CYS A 87 -1.41 13.84 -2.85
CA CYS A 87 -1.82 12.46 -2.68
C CYS A 87 -0.81 11.77 -1.79
N VAL A 88 -1.32 11.01 -0.81
CA VAL A 88 -0.50 10.17 0.04
C VAL A 88 -0.91 8.72 -0.21
N VAL A 89 0.07 7.88 -0.54
CA VAL A 89 -0.15 6.45 -0.74
C VAL A 89 0.54 5.73 0.42
N ASN A 90 -0.26 5.16 1.31
CA ASN A 90 0.24 4.43 2.48
C ASN A 90 0.42 2.97 2.10
N ASN A 91 1.61 2.64 1.61
CA ASN A 91 1.97 1.32 1.13
C ASN A 91 2.86 0.57 2.09
N ALA A 92 3.66 1.28 2.88
CA ALA A 92 4.59 0.66 3.83
C ALA A 92 3.86 -0.35 4.69
N GLY A 93 4.41 -1.55 4.79
CA GLY A 93 3.77 -2.61 5.51
C GLY A 93 4.62 -3.86 5.41
N HIS A 94 4.26 -4.85 6.22
CA HIS A 94 5.03 -6.09 6.30
C HIS A 94 4.10 -7.26 6.50
N HIS A 95 4.42 -8.39 5.86
CA HIS A 95 3.74 -9.65 6.11
C HIS A 95 4.72 -10.61 6.76
N PRO A 96 4.56 -10.90 8.06
CA PRO A 96 5.49 -11.80 8.73
C PRO A 96 5.41 -13.19 8.12
N PRO A 97 6.45 -14.01 8.31
CA PRO A 97 6.34 -15.43 7.93
C PRO A 97 5.14 -16.08 8.58
N PRO A 98 4.61 -17.14 7.98
CA PRO A 98 3.40 -17.78 8.53
C PRO A 98 3.60 -18.21 9.98
N GLN A 99 2.57 -17.99 10.79
CA GLN A 99 2.59 -18.33 12.21
C GLN A 99 1.25 -18.91 12.61
N ARG A 100 1.25 -20.09 13.22
CA ARG A 100 0.04 -20.57 13.87
C ARG A 100 -0.36 -19.61 15.00
N PRO A 101 -1.65 -19.53 15.33
CA PRO A 101 -2.09 -18.55 16.35
C PRO A 101 -1.33 -18.67 17.68
N GLU A 102 -1.08 -19.89 18.14
CA GLU A 102 -0.37 -20.08 19.41
C GLU A 102 1.09 -19.69 19.31
N GLU A 103 1.62 -19.53 18.09
CA GLU A 103 2.98 -19.04 17.90
C GLU A 103 3.07 -17.52 17.84
N THR A 104 1.95 -16.83 17.74
CA THR A 104 1.97 -15.38 17.76
C THR A 104 2.11 -14.88 19.20
N SER A 105 2.49 -13.62 19.32
CA SER A 105 2.54 -12.96 20.62
C SER A 105 1.80 -11.64 20.55
N ALA A 106 1.32 -11.20 21.71
CA ALA A 106 0.72 -9.88 21.80
C ALA A 106 1.72 -8.80 21.39
N GLN A 107 2.98 -8.96 21.76
CA GLN A 107 3.95 -7.90 21.46
C GLN A 107 4.31 -7.89 19.98
N GLY A 108 4.41 -9.07 19.35
CA GLY A 108 4.56 -9.09 17.91
C GLY A 108 3.35 -8.50 17.19
N PHE A 109 2.16 -8.80 17.70
CA PHE A 109 0.93 -8.20 17.19
C PHE A 109 1.00 -6.67 17.27
N ARG A 110 1.36 -6.14 18.44
CA ARG A 110 1.48 -4.69 18.60
C ARG A 110 2.47 -4.09 17.61
N GLN A 111 3.62 -4.76 17.42
CA GLN A 111 4.63 -4.24 16.50
C GLN A 111 4.11 -4.21 15.07
N LEU A 112 3.39 -5.25 14.67
CA LEU A 112 2.83 -5.24 13.32
C LEU A 112 1.77 -4.16 13.18
N LEU A 113 0.99 -3.93 14.24
CA LEU A 113 0.05 -2.81 14.24
C LEU A 113 0.77 -1.48 14.08
N GLU A 114 1.93 -1.31 14.73
CA GLU A 114 2.70 -0.08 14.56
C GLU A 114 3.01 0.20 13.09
N LEU A 115 3.46 -0.82 12.35
CA LEU A 115 3.83 -0.57 10.96
C LEU A 115 2.61 -0.48 10.04
N ASN A 116 1.81 -1.56 10.01
CA ASN A 116 0.74 -1.67 9.02
C ASN A 116 -0.40 -0.69 9.28
N LEU A 117 -0.64 -0.31 10.53
CA LEU A 117 -1.84 0.47 10.87
C LEU A 117 -1.50 1.88 11.35
N LEU A 118 -0.71 2.00 12.42
CA LEU A 118 -0.47 3.32 12.99
C LEU A 118 0.47 4.16 12.14
N GLY A 119 1.35 3.53 11.37
CA GLY A 119 2.16 4.30 10.42
C GLY A 119 1.29 4.99 9.38
N THR A 120 0.35 4.24 8.82
CA THR A 120 -0.64 4.80 7.89
C THR A 120 -1.47 5.91 8.55
N TYR A 121 -1.91 5.68 9.78
CA TYR A 121 -2.67 6.69 10.52
C TYR A 121 -1.86 7.97 10.71
N THR A 122 -0.58 7.82 11.07
CA THR A 122 0.22 8.98 11.45
C THR A 122 0.54 9.87 10.26
N LEU A 123 1.01 9.29 9.15
CA LEU A 123 1.26 10.10 7.95
C LEU A 123 -0.03 10.74 7.45
N THR A 124 -1.12 9.97 7.39
CA THR A 124 -2.39 10.55 6.97
C THR A 124 -2.73 11.78 7.80
N LYS A 125 -2.66 11.66 9.14
CA LYS A 125 -2.97 12.77 10.03
C LYS A 125 -2.10 13.99 9.75
N LEU A 126 -0.80 13.79 9.60
CA LEU A 126 0.09 14.93 9.37
C LEU A 126 -0.14 15.53 7.98
N ALA A 127 -0.60 14.73 7.01
CA ALA A 127 -0.77 15.22 5.65
C ALA A 127 -2.11 15.88 5.40
N LEU A 128 -3.14 15.55 6.17
CA LEU A 128 -4.49 16.02 5.86
C LEU A 128 -4.63 17.54 5.80
N PRO A 129 -4.00 18.35 6.67
CA PRO A 129 -4.09 19.81 6.48
C PRO A 129 -3.68 20.25 5.10
N TYR A 130 -2.63 19.64 4.54
CA TYR A 130 -2.19 20.00 3.20
C TYR A 130 -3.09 19.38 2.13
N LEU A 131 -3.60 18.17 2.37
CA LEU A 131 -4.52 17.56 1.42
C LEU A 131 -5.82 18.35 1.35
N ARG A 132 -6.27 18.91 2.48
CA ARG A 132 -7.46 19.74 2.45
C ARG A 132 -7.25 20.98 1.59
N LYS A 133 -6.06 21.59 1.69
CA LYS A 133 -5.78 22.78 0.88
C LYS A 133 -5.75 22.45 -0.60
N SER A 134 -5.37 21.23 -0.97
CA SER A 134 -5.25 20.88 -2.37
C SER A 134 -6.43 20.08 -2.89
N GLN A 135 -7.42 19.81 -2.05
CA GLN A 135 -8.47 18.83 -2.35
C GLN A 135 -7.82 17.54 -2.85
N GLY A 136 -6.80 17.11 -2.12
CA GLY A 136 -6.07 15.91 -2.47
C GLY A 136 -6.79 14.67 -1.98
N ASN A 137 -6.06 13.56 -1.93
CA ASN A 137 -6.69 12.29 -1.62
C ASN A 137 -5.67 11.34 -0.99
N VAL A 138 -6.21 10.34 -0.28
CA VAL A 138 -5.45 9.33 0.46
C VAL A 138 -5.73 7.98 -0.16
N ILE A 139 -4.69 7.19 -0.39
CA ILE A 139 -4.83 5.84 -0.91
C ILE A 139 -4.09 4.91 0.03
N ASN A 140 -4.82 4.01 0.69
CA ASN A 140 -4.22 3.03 1.58
C ASN A 140 -4.07 1.71 0.85
N ILE A 141 -2.91 1.08 0.97
CA ILE A 141 -2.72 -0.26 0.40
C ILE A 141 -3.02 -1.26 1.50
N SER A 142 -4.15 -1.93 1.40
CA SER A 142 -4.58 -2.90 2.40
C SER A 142 -4.23 -4.30 1.90
N SER A 143 -5.14 -5.26 1.90
CA SER A 143 -4.87 -6.61 1.45
C SER A 143 -6.19 -7.33 1.29
N LEU A 144 -6.29 -8.18 0.26
CA LEU A 144 -7.49 -9.01 0.13
C LEU A 144 -7.73 -9.84 1.38
N VAL A 145 -6.66 -10.28 2.06
CA VAL A 145 -6.87 -11.15 3.21
C VAL A 145 -7.49 -10.43 4.39
N GLY A 146 -7.45 -9.09 4.42
CA GLY A 146 -8.25 -8.38 5.40
C GLY A 146 -9.74 -8.66 5.24
N ALA A 147 -10.19 -8.86 4.00
CA ALA A 147 -11.61 -9.08 3.74
C ALA A 147 -12.01 -10.55 3.87
N ILE A 148 -11.14 -11.48 3.45
CA ILE A 148 -11.54 -12.89 3.38
C ILE A 148 -10.78 -13.76 4.38
N GLY A 149 -9.82 -13.21 5.12
CA GLY A 149 -9.01 -14.00 6.02
C GLY A 149 -7.94 -14.78 5.28
N GLN A 150 -7.04 -15.39 6.06
CA GLN A 150 -5.94 -16.21 5.59
C GLN A 150 -5.48 -17.07 6.76
N ALA A 151 -4.95 -18.25 6.46
CA ALA A 151 -4.45 -19.09 7.54
C ALA A 151 -3.05 -18.64 7.95
N GLN A 152 -2.72 -18.91 9.22
CA GLN A 152 -1.41 -18.63 9.80
C GLN A 152 -0.97 -17.18 9.59
N ALA A 153 -1.88 -16.24 9.82
CA ALA A 153 -1.59 -14.81 9.68
C ALA A 153 -2.56 -13.95 10.48
N VAL A 154 -2.90 -14.39 11.68
CA VAL A 154 -3.88 -13.64 12.49
C VAL A 154 -3.50 -12.19 12.67
N PRO A 155 -2.26 -11.84 13.08
CA PRO A 155 -1.93 -10.41 13.23
C PRO A 155 -1.99 -9.64 11.92
N TYR A 156 -1.42 -10.21 10.85
CA TYR A 156 -1.42 -9.50 9.57
C TYR A 156 -2.84 -9.24 9.10
N VAL A 157 -3.68 -10.28 9.07
CA VAL A 157 -5.08 -10.13 8.63
C VAL A 157 -5.78 -9.06 9.45
N ALA A 158 -5.55 -9.05 10.77
CA ALA A 158 -6.22 -8.07 11.63
C ALA A 158 -5.78 -6.64 11.29
N THR A 159 -4.47 -6.42 11.02
CA THR A 159 -4.01 -5.07 10.67
C THR A 159 -4.63 -4.61 9.35
N LYS A 160 -4.83 -5.52 8.42
CA LYS A 160 -5.40 -5.10 7.14
C LYS A 160 -6.91 -4.89 7.26
N GLY A 161 -7.61 -5.74 8.02
CA GLY A 161 -9.01 -5.43 8.33
C GLY A 161 -9.16 -4.03 8.90
N ALA A 162 -8.21 -3.63 9.77
CA ALA A 162 -8.26 -2.29 10.37
C ALA A 162 -8.02 -1.20 9.34
N VAL A 163 -7.05 -1.40 8.44
CA VAL A 163 -6.77 -0.40 7.42
C VAL A 163 -7.98 -0.17 6.52
N THR A 164 -8.62 -1.25 6.08
CA THR A 164 -9.77 -1.12 5.19
C THR A 164 -10.92 -0.41 5.90
N ALA A 165 -11.19 -0.79 7.15
CA ALA A 165 -12.23 -0.12 7.93
C ALA A 165 -11.87 1.35 8.18
N MET A 166 -10.63 1.61 8.61
CA MET A 166 -10.18 2.98 8.83
C MET A 166 -10.37 3.87 7.60
N THR A 167 -10.10 3.30 6.42
CA THR A 167 -10.30 4.01 5.16
C THR A 167 -11.73 4.54 5.01
N LYS A 168 -12.72 3.73 5.40
CA LYS A 168 -14.11 4.18 5.30
C LYS A 168 -14.45 5.23 6.35
N ALA A 169 -13.97 5.05 7.57
CA ALA A 169 -14.21 6.05 8.62
C ALA A 169 -13.61 7.40 8.23
N LEU A 170 -12.38 7.38 7.72
CA LEU A 170 -11.72 8.62 7.33
C LEU A 170 -12.40 9.25 6.12
N ALA A 171 -12.84 8.42 5.16
CA ALA A 171 -13.59 8.96 4.03
C ALA A 171 -14.81 9.74 4.50
N LEU A 172 -15.51 9.23 5.52
CA LEU A 172 -16.65 9.93 6.08
C LEU A 172 -16.22 11.26 6.71
N ASP A 173 -15.13 11.26 7.48
CA ASP A 173 -14.72 12.48 8.17
C ASP A 173 -14.25 13.55 7.20
N GLU A 174 -13.58 13.14 6.13
CA GLU A 174 -12.93 14.08 5.22
C GLU A 174 -13.80 14.46 4.02
N SER A 175 -14.90 13.76 3.78
CA SER A 175 -15.79 14.12 2.67
C SER A 175 -16.25 15.58 2.70
N PRO A 176 -16.61 16.20 3.83
CA PRO A 176 -17.00 17.62 3.79
C PRO A 176 -15.91 18.53 3.28
N TYR A 177 -14.64 18.11 3.31
CA TYR A 177 -13.52 18.94 2.86
C TYR A 177 -13.09 18.59 1.44
N GLY A 178 -13.80 17.69 0.77
CA GLY A 178 -13.42 17.30 -0.57
C GLY A 178 -12.23 16.36 -0.65
N VAL A 179 -11.77 15.83 0.48
CA VAL A 179 -10.65 14.91 0.47
C VAL A 179 -11.19 13.49 0.41
N ARG A 180 -10.91 12.79 -0.70
CA ARG A 180 -11.27 11.39 -0.86
C ARG A 180 -10.25 10.49 -0.18
N VAL A 181 -10.73 9.38 0.37
CA VAL A 181 -9.91 8.40 1.07
C VAL A 181 -10.33 7.01 0.57
N ASN A 182 -9.43 6.32 -0.12
CA ASN A 182 -9.75 5.04 -0.70
C ASN A 182 -8.66 4.05 -0.37
N CYS A 183 -8.95 2.75 -0.56
CA CYS A 183 -7.90 1.75 -0.41
C CYS A 183 -7.89 0.79 -1.59
N ILE A 184 -6.74 0.19 -1.81
CA ILE A 184 -6.54 -0.90 -2.75
C ILE A 184 -6.25 -2.16 -1.94
N SER A 185 -6.92 -3.27 -2.29
CA SER A 185 -6.68 -4.54 -1.64
C SER A 185 -6.05 -5.48 -2.66
N PRO A 186 -4.72 -5.58 -2.70
CA PRO A 186 -4.09 -6.53 -3.63
C PRO A 186 -4.25 -7.94 -3.11
N GLY A 187 -4.24 -8.89 -4.04
CA GLY A 187 -4.07 -10.30 -3.68
C GLY A 187 -2.61 -10.66 -3.81
N ASN A 188 -2.31 -11.75 -4.50
CA ASN A 188 -0.92 -12.17 -4.72
C ASN A 188 -0.29 -11.32 -5.80
N ILE A 189 0.64 -10.45 -5.40
CA ILE A 189 1.45 -9.65 -6.33
C ILE A 189 2.88 -10.13 -6.20
N TRP A 190 3.53 -10.40 -7.34
CA TRP A 190 4.90 -10.91 -7.33
C TRP A 190 5.86 -9.78 -7.00
N THR A 191 6.45 -9.83 -5.79
CA THR A 191 7.30 -8.79 -5.21
C THR A 191 8.47 -9.43 -4.49
N PRO A 192 9.46 -8.66 -4.03
CA PRO A 192 10.53 -9.28 -3.22
C PRO A 192 10.01 -9.86 -1.92
N LEU A 193 8.97 -9.29 -1.33
CA LEU A 193 8.41 -9.89 -0.13
C LEU A 193 7.83 -11.27 -0.41
N TRP A 194 7.05 -11.39 -1.50
CA TRP A 194 6.51 -12.70 -1.87
C TRP A 194 7.65 -13.71 -2.06
N GLU A 195 8.70 -13.29 -2.78
CA GLU A 195 9.79 -14.22 -3.08
C GLU A 195 10.54 -14.63 -1.82
N GLU A 196 10.81 -13.68 -0.92
CA GLU A 196 11.44 -14.02 0.36
C GLU A 196 10.60 -15.01 1.15
N LEU A 197 9.29 -14.75 1.25
CA LEU A 197 8.42 -15.63 2.03
C LEU A 197 8.40 -17.03 1.44
N ALA A 198 8.29 -17.15 0.12
CA ALA A 198 8.33 -18.46 -0.51
C ALA A 198 9.65 -19.17 -0.23
N ALA A 199 10.75 -18.42 -0.17
CA ALA A 199 12.06 -19.05 0.03
C ALA A 199 12.16 -19.76 1.37
N LEU A 200 11.41 -19.31 2.38
CA LEU A 200 11.41 -19.98 3.68
C LEU A 200 10.71 -21.33 3.63
N MET A 201 9.92 -21.59 2.60
CA MET A 201 9.09 -22.78 2.55
C MET A 201 9.92 -24.01 2.15
N PRO A 202 9.46 -25.21 2.53
CA PRO A 202 10.23 -26.41 2.17
C PRO A 202 10.44 -26.56 0.68
N ASP A 203 9.42 -26.24 -0.13
CA ASP A 203 9.52 -26.27 -1.59
C ASP A 203 9.10 -24.90 -2.11
N PRO A 204 10.05 -23.96 -2.21
CA PRO A 204 9.70 -22.61 -2.69
C PRO A 204 8.98 -22.60 -4.03
N ARG A 205 9.43 -23.41 -4.99
CA ARG A 205 8.79 -23.41 -6.30
C ARG A 205 7.34 -23.88 -6.21
N ALA A 206 7.09 -24.92 -5.42
CA ALA A 206 5.72 -25.37 -5.19
C ALA A 206 4.87 -24.26 -4.58
N THR A 207 5.42 -23.54 -3.60
CA THR A 207 4.68 -22.45 -2.98
C THR A 207 4.37 -21.36 -3.99
N ILE A 208 5.34 -21.03 -4.86
CA ILE A 208 5.10 -20.03 -5.89
C ILE A 208 4.06 -20.53 -6.89
N ARG A 209 4.14 -21.80 -7.26
CA ARG A 209 3.15 -22.38 -8.16
C ARG A 209 1.76 -22.31 -7.56
N GLU A 210 1.63 -22.65 -6.28
CA GLU A 210 0.33 -22.54 -5.62
C GLU A 210 -0.16 -21.10 -5.60
N GLY A 211 0.75 -20.15 -5.37
CA GLY A 211 0.34 -18.74 -5.36
C GLY A 211 -0.21 -18.26 -6.69
N MET A 212 0.38 -18.74 -7.79
CA MET A 212 -0.11 -18.36 -9.12
C MET A 212 -1.50 -18.93 -9.38
N LEU A 213 -1.73 -20.19 -9.00
CA LEU A 213 -2.99 -20.85 -9.28
C LEU A 213 -4.10 -20.48 -8.30
N ALA A 214 -3.79 -19.70 -7.25
CA ALA A 214 -4.81 -19.20 -6.36
C ALA A 214 -5.73 -18.20 -7.02
N GLN A 215 -5.37 -17.69 -8.20
CA GLN A 215 -6.36 -16.83 -8.82
C GLN A 215 -6.79 -17.36 -10.18
N PRO A 216 -8.04 -17.13 -10.56
CA PRO A 216 -8.55 -17.68 -11.83
C PRO A 216 -7.77 -17.21 -13.05
N LEU A 217 -7.10 -16.06 -12.98
CA LEU A 217 -6.26 -15.61 -14.09
C LEU A 217 -4.98 -16.42 -14.22
N GLY A 218 -4.64 -17.23 -13.22
CA GLY A 218 -3.53 -18.16 -13.36
C GLY A 218 -2.16 -17.57 -13.20
N ARG A 219 -2.07 -16.32 -12.74
CA ARG A 219 -0.77 -15.69 -12.50
C ARG A 219 -0.94 -14.79 -11.28
N MET A 220 0.18 -14.37 -10.72
CA MET A 220 0.13 -13.31 -9.73
C MET A 220 0.11 -11.96 -10.44
N GLY A 221 -0.22 -10.89 -9.68
CA GLY A 221 -0.27 -9.57 -10.25
C GLY A 221 1.09 -8.91 -10.27
N GLN A 222 1.19 -7.78 -10.97
CA GLN A 222 2.43 -7.03 -11.03
C GLN A 222 2.33 -5.75 -10.21
N PRO A 223 3.44 -5.27 -9.66
CA PRO A 223 3.41 -3.93 -9.01
C PRO A 223 2.87 -2.83 -9.92
N ALA A 224 3.18 -2.89 -11.22
CA ALA A 224 2.65 -1.90 -12.17
C ALA A 224 1.13 -1.90 -12.22
N GLU A 225 0.50 -3.06 -11.98
CA GLU A 225 -0.95 -3.11 -12.04
C GLU A 225 -1.58 -2.49 -10.78
N VAL A 226 -0.97 -2.69 -9.61
CA VAL A 226 -1.37 -1.92 -8.43
C VAL A 226 -1.11 -0.42 -8.65
N GLY A 227 0.00 -0.10 -9.33
CA GLY A 227 0.30 1.30 -9.59
C GLY A 227 -0.74 1.97 -10.48
N ALA A 228 -1.19 1.27 -11.52
CA ALA A 228 -2.23 1.83 -12.39
C ALA A 228 -3.53 2.07 -11.61
N ALA A 229 -3.88 1.15 -10.71
CA ALA A 229 -5.07 1.34 -9.90
C ALA A 229 -4.94 2.56 -9.00
N ALA A 230 -3.74 2.78 -8.43
CA ALA A 230 -3.54 3.95 -7.57
C ALA A 230 -3.67 5.25 -8.35
N VAL A 231 -3.08 5.31 -9.55
CA VAL A 231 -3.19 6.53 -10.36
C VAL A 231 -4.64 6.79 -10.74
N PHE A 232 -5.39 5.74 -11.05
CA PHE A 232 -6.82 5.91 -11.31
C PHE A 232 -7.53 6.54 -10.11
N LEU A 233 -7.31 6.00 -8.91
CA LEU A 233 -7.98 6.54 -7.73
C LEU A 233 -7.59 7.99 -7.49
N ALA A 234 -6.31 8.32 -7.66
CA ALA A 234 -5.88 9.70 -7.41
C ALA A 234 -6.45 10.66 -8.46
N SER A 235 -6.36 10.28 -9.74
CA SER A 235 -6.53 11.27 -10.82
C SER A 235 -7.92 11.24 -11.45
N GLU A 236 -8.64 10.13 -11.37
CA GLU A 236 -9.86 9.99 -12.16
C GLU A 236 -11.08 9.49 -11.39
N ALA A 237 -10.91 8.99 -10.18
CA ALA A 237 -12.02 8.45 -9.39
C ALA A 237 -12.66 9.53 -8.49
N ASN A 238 -13.06 10.65 -9.10
CA ASN A 238 -13.42 11.81 -8.32
C ASN A 238 -14.73 11.64 -7.55
N PHE A 239 -15.54 10.64 -7.90
CA PHE A 239 -16.75 10.32 -7.15
C PHE A 239 -16.59 9.05 -6.32
N CYS A 240 -15.36 8.55 -6.16
CA CYS A 240 -15.07 7.38 -5.35
C CYS A 240 -14.44 7.82 -4.05
N THR A 241 -15.06 7.44 -2.93
CA THR A 241 -14.43 7.65 -1.63
C THR A 241 -14.89 6.53 -0.72
N GLY A 242 -13.98 6.06 0.13
CA GLY A 242 -14.30 4.95 1.00
C GLY A 242 -14.44 3.62 0.28
N ILE A 243 -13.91 3.48 -0.95
CA ILE A 243 -14.06 2.21 -1.66
C ILE A 243 -12.83 1.34 -1.41
N GLU A 244 -13.02 0.04 -1.60
CA GLU A 244 -11.95 -0.95 -1.53
C GLU A 244 -11.81 -1.52 -2.94
N LEU A 245 -10.74 -1.14 -3.64
CA LEU A 245 -10.52 -1.57 -5.02
C LEU A 245 -9.72 -2.87 -5.01
N LEU A 246 -10.35 -3.97 -5.42
CA LEU A 246 -9.68 -5.28 -5.40
C LEU A 246 -8.78 -5.43 -6.62
N VAL A 247 -7.52 -5.77 -6.37
CA VAL A 247 -6.56 -6.02 -7.45
C VAL A 247 -6.01 -7.41 -7.17
N THR A 248 -6.78 -8.44 -7.52
CA THR A 248 -6.56 -9.78 -6.99
C THR A 248 -6.58 -10.89 -8.05
N GLY A 249 -6.87 -10.57 -9.31
CA GLY A 249 -7.01 -11.61 -10.30
C GLY A 249 -8.16 -12.55 -10.08
N GLY A 250 -9.16 -12.14 -9.28
CA GLY A 250 -10.31 -12.97 -8.99
C GLY A 250 -10.11 -14.02 -7.91
N ALA A 251 -9.09 -13.87 -7.06
CA ALA A 251 -8.83 -14.89 -6.04
C ALA A 251 -10.03 -15.09 -5.11
N GLU A 252 -10.85 -14.04 -4.92
CA GLU A 252 -11.96 -14.14 -3.97
C GLU A 252 -13.18 -14.82 -4.56
N LEU A 253 -13.17 -15.13 -5.85
CA LEU A 253 -14.34 -15.66 -6.55
C LEU A 253 -14.38 -17.17 -6.46
N GLY A 254 -15.58 -17.71 -6.28
CA GLY A 254 -15.80 -19.14 -6.43
C GLY A 254 -15.21 -19.98 -5.30
N TYR A 255 -15.51 -21.27 -5.39
CA TYR A 255 -14.98 -22.29 -4.49
C TYR A 255 -13.55 -22.67 -4.87
N GLY A 256 -12.80 -23.09 -3.86
CA GLY A 256 -11.47 -23.64 -4.06
C GLY A 256 -11.21 -24.74 -3.05
N CYS A 257 -9.97 -25.19 -2.96
CA CYS A 257 -9.58 -26.18 -1.96
C CYS A 257 -9.13 -25.45 -0.69
N LYS A 258 -9.95 -25.55 0.37
CA LYS A 258 -9.71 -24.84 1.62
C LYS A 258 -9.42 -25.75 2.81
N ALA A 259 -9.51 -27.06 2.65
CA ALA A 259 -9.28 -27.98 3.76
C ALA A 259 -7.94 -28.70 3.63
N PRO A 271 -20.24 -37.68 4.05
CA PRO A 271 -19.81 -36.45 3.36
C PRO A 271 -20.22 -35.19 4.14
N SER A 272 -21.35 -35.25 4.82
CA SER A 272 -21.84 -34.19 5.69
C SER A 272 -21.49 -34.44 7.16
N GLY A 273 -20.51 -35.31 7.43
CA GLY A 273 -20.08 -35.60 8.77
C GLY A 273 -18.57 -35.62 8.90
#